data_4RV4
#
_entry.id   4RV4
#
_cell.length_a   133.268
_cell.length_b   133.268
_cell.length_c   151.348
_cell.angle_alpha   90.00
_cell.angle_beta   90.00
_cell.angle_gamma   90.00
#
_symmetry.space_group_name_H-M   'I 4 2 2'
#
loop_
_entity.id
_entity.type
_entity.pdbx_description
1 polymer 'Orotate phosphoribosyltransferase'
2 non-polymer 1-O-pyrophosphono-5-O-phosphono-alpha-D-ribofuranose
3 non-polymer DI(HYDROXYETHYL)ETHER
4 water water
#
_entity_poly.entity_id   1
_entity_poly.type   'polypeptide(L)'
_entity_poly.pdbx_seq_one_letter_code
;MHHHHHHSSGVDLGTENLYFQSNAMKKEIASHLLEIGAVFLQPNDPFTWSSGMKSPIYCDNRLTLSYPKVRQTIAAGLEE
LIKEHFPTVEVIAGTATAGIAHAAWVSDRMDLPMCYVRSKAKGHGKGNQIEGKAEKGQKVVVVEDLISTGGSAITCVEAL
REAGCEVLGIVSIFTYELEAGKEKLEAANVASYSLSDYSALTEVAAEKGIIGQAETKKLQEWRKNPADEAWITA
;
_entity_poly.pdbx_strand_id   A,B,C
#
# COMPACT_ATOMS: atom_id res chain seq x y z
N SER A 22 -30.97 16.09 3.28
CA SER A 22 -29.90 15.91 2.26
C SER A 22 -28.95 17.12 2.23
N ASN A 23 -29.48 18.28 2.63
CA ASN A 23 -28.65 19.48 2.71
C ASN A 23 -27.70 19.38 3.85
N ALA A 24 -27.97 18.55 4.84
CA ALA A 24 -27.05 18.39 5.93
C ALA A 24 -25.80 17.76 5.34
N MET A 25 -26.00 16.72 4.52
CA MET A 25 -24.90 16.03 3.83
C MET A 25 -24.14 17.00 2.91
N LYS A 26 -24.84 17.80 2.12
CA LYS A 26 -24.17 18.73 1.23
C LYS A 26 -23.29 19.69 1.99
N LYS A 27 -23.79 20.14 3.14
CA LYS A 27 -23.02 21.07 3.98
C LYS A 27 -21.82 20.37 4.65
N GLU A 28 -22.01 19.15 5.16
N GLU A 28 -22.02 19.16 5.15
CA GLU A 28 -20.90 18.44 5.79
CA GLU A 28 -20.92 18.41 5.79
C GLU A 28 -19.76 18.19 4.80
C GLU A 28 -19.77 18.18 4.81
N ILE A 29 -20.12 17.67 3.64
CA ILE A 29 -19.15 17.39 2.60
C ILE A 29 -18.42 18.66 2.11
N ALA A 30 -19.16 19.78 2.03
CA ALA A 30 -18.58 21.04 1.60
C ALA A 30 -17.56 21.50 2.60
N SER A 31 -17.85 21.28 3.88
CA SER A 31 -16.93 21.62 4.95
C SER A 31 -15.68 20.80 4.82
N HIS A 32 -15.83 19.51 4.50
CA HIS A 32 -14.67 18.62 4.38
C HIS A 32 -13.75 19.03 3.21
N LEU A 33 -14.34 19.48 2.10
CA LEU A 33 -13.58 19.92 0.96
C LEU A 33 -12.81 21.21 1.29
N LEU A 34 -13.43 22.13 2.04
CA LEU A 34 -12.73 23.36 2.45
C LEU A 34 -11.59 23.01 3.36
N GLU A 35 -11.85 22.14 4.34
CA GLU A 35 -10.85 21.76 5.34
C GLU A 35 -9.54 21.23 4.78
N ILE A 36 -9.61 20.42 3.73
CA ILE A 36 -8.43 19.83 3.11
C ILE A 36 -7.87 20.56 1.90
N GLY A 37 -8.38 21.74 1.60
CA GLY A 37 -7.86 22.46 0.44
C GLY A 37 -8.29 21.94 -0.91
N ALA A 38 -9.37 21.14 -0.95
CA ALA A 38 -9.89 20.63 -2.22
C ALA A 38 -10.80 21.64 -2.88
N VAL A 39 -11.27 22.63 -2.12
CA VAL A 39 -12.07 23.70 -2.71
C VAL A 39 -11.65 24.99 -2.05
N PHE A 40 -11.62 26.05 -2.82
CA PHE A 40 -11.25 27.34 -2.28
C PHE A 40 -12.18 28.32 -2.85
N LEU A 41 -12.31 29.39 -2.11
CA LEU A 41 -13.14 30.51 -2.48
C LEU A 41 -12.38 31.84 -2.34
N GLN A 42 -12.20 32.55 -3.46
CA GLN A 42 -11.49 33.83 -3.46
C GLN A 42 -12.17 34.80 -4.39
N PRO A 43 -13.40 35.16 -4.03
CA PRO A 43 -14.13 36.09 -4.85
C PRO A 43 -13.44 37.46 -4.97
N ASN A 44 -12.70 37.87 -3.94
CA ASN A 44 -11.97 39.15 -3.99
C ASN A 44 -10.57 39.04 -4.59
N ASP A 45 -10.15 37.84 -5.01
CA ASP A 45 -8.81 37.60 -5.61
C ASP A 45 -9.01 36.41 -6.53
N PRO A 46 -9.71 36.63 -7.65
CA PRO A 46 -10.08 35.60 -8.61
C PRO A 46 -8.99 34.70 -9.20
N PHE A 47 -9.36 33.43 -9.40
CA PHE A 47 -8.47 32.47 -10.02
C PHE A 47 -8.64 32.62 -11.51
N THR A 48 -7.76 31.97 -12.25
CA THR A 48 -7.83 31.98 -13.71
C THR A 48 -7.73 30.54 -14.12
N TRP A 49 -8.82 29.95 -14.62
CA TRP A 49 -8.74 28.56 -14.99
C TRP A 49 -7.89 28.36 -16.23
N SER A 50 -7.65 27.09 -16.58
CA SER A 50 -6.91 26.75 -17.76
C SER A 50 -7.63 27.25 -19.03
N SER A 51 -8.96 27.39 -18.96
CA SER A 51 -9.78 27.91 -20.08
C SER A 51 -9.43 29.37 -20.37
N GLY A 52 -8.81 30.06 -19.41
CA GLY A 52 -8.52 31.48 -19.55
C GLY A 52 -9.52 32.34 -18.76
N MET A 53 -10.67 31.76 -18.44
N MET A 53 -10.68 31.78 -18.45
CA MET A 53 -11.75 32.41 -17.69
CA MET A 53 -11.72 32.51 -17.73
C MET A 53 -11.41 32.63 -16.22
C MET A 53 -11.39 32.67 -16.24
N LYS A 54 -11.83 33.80 -15.71
CA LYS A 54 -11.66 34.14 -14.31
C LYS A 54 -12.76 33.44 -13.50
N SER A 55 -12.42 32.99 -12.29
CA SER A 55 -13.38 32.31 -11.42
C SER A 55 -13.09 32.59 -9.96
N PRO A 56 -14.15 32.62 -9.13
CA PRO A 56 -14.01 32.83 -7.68
C PRO A 56 -13.87 31.52 -6.92
N ILE A 57 -13.93 30.42 -7.65
CA ILE A 57 -13.80 29.13 -7.04
C ILE A 57 -12.79 28.28 -7.77
N TYR A 58 -12.16 27.43 -6.99
CA TYR A 58 -11.18 26.50 -7.51
C TYR A 58 -11.45 25.21 -6.79
N CYS A 59 -11.47 24.14 -7.54
CA CYS A 59 -11.75 22.86 -7.00
C CYS A 59 -10.83 21.80 -7.53
N ASP A 60 -10.12 21.15 -6.62
CA ASP A 60 -9.25 20.05 -6.99
C ASP A 60 -9.58 18.91 -6.09
N ASN A 61 -10.53 18.11 -6.53
CA ASN A 61 -10.95 16.96 -5.76
C ASN A 61 -9.95 15.80 -5.73
N ARG A 62 -8.87 15.88 -6.51
CA ARG A 62 -7.85 14.84 -6.52
C ARG A 62 -7.17 14.81 -5.15
N LEU A 63 -7.17 15.94 -4.44
CA LEU A 63 -6.63 16.00 -3.09
C LEU A 63 -7.33 15.08 -2.12
N THR A 64 -8.60 14.74 -2.37
CA THR A 64 -9.33 13.87 -1.44
C THR A 64 -8.61 12.53 -1.26
N LEU A 65 -7.86 12.12 -2.28
CA LEU A 65 -7.12 10.88 -2.26
C LEU A 65 -6.08 10.78 -1.17
N SER A 66 -5.56 11.93 -0.77
CA SER A 66 -4.54 11.98 0.22
C SER A 66 -5.03 12.02 1.66
N TYR A 67 -6.34 11.98 1.87
CA TYR A 67 -6.95 12.04 3.23
C TYR A 67 -7.85 10.85 3.45
N PRO A 68 -7.30 9.78 4.02
CA PRO A 68 -8.11 8.58 4.24
C PRO A 68 -9.52 8.76 4.89
N LYS A 69 -9.68 9.54 5.94
CA LYS A 69 -11.03 9.66 6.56
C LYS A 69 -12.00 10.39 5.65
N VAL A 70 -11.53 11.43 5.00
CA VAL A 70 -12.40 12.20 4.10
C VAL A 70 -12.85 11.39 2.88
N ARG A 71 -11.93 10.70 2.21
CA ARG A 71 -12.31 9.89 1.03
C ARG A 71 -13.29 8.75 1.39
N GLN A 72 -13.17 8.16 2.56
CA GLN A 72 -14.12 7.08 2.98
C GLN A 72 -15.53 7.66 3.21
N THR A 73 -15.62 8.84 3.82
CA THR A 73 -16.89 9.55 3.98
C THR A 73 -17.51 9.82 2.62
N ILE A 74 -16.69 10.26 1.66
CA ILE A 74 -17.19 10.51 0.33
C ILE A 74 -17.71 9.26 -0.33
N ALA A 75 -16.98 8.17 -0.25
CA ALA A 75 -17.42 6.92 -0.84
C ALA A 75 -18.74 6.46 -0.20
N ALA A 76 -18.84 6.61 1.12
CA ALA A 76 -20.06 6.24 1.82
C ALA A 76 -21.18 7.12 1.27
N GLY A 77 -20.88 8.40 1.05
CA GLY A 77 -21.83 9.35 0.51
C GLY A 77 -22.30 8.95 -0.86
N LEU A 78 -21.37 8.57 -1.73
CA LEU A 78 -21.72 8.18 -3.11
C LEU A 78 -22.48 6.87 -3.13
N GLU A 79 -22.15 5.97 -2.24
CA GLU A 79 -22.91 4.72 -2.16
C GLU A 79 -24.37 5.05 -1.82
N GLU A 80 -24.56 5.92 -0.84
CA GLU A 80 -25.92 6.32 -0.40
C GLU A 80 -26.69 6.97 -1.56
N LEU A 81 -26.08 7.89 -2.31
CA LEU A 81 -26.79 8.50 -3.44
C LEU A 81 -27.18 7.45 -4.47
N ILE A 82 -26.31 6.48 -4.68
CA ILE A 82 -26.60 5.43 -5.65
C ILE A 82 -27.78 4.58 -5.19
N LYS A 83 -27.82 4.24 -3.90
CA LYS A 83 -28.94 3.44 -3.39
C LYS A 83 -30.29 4.16 -3.43
N GLU A 84 -30.32 5.45 -3.15
CA GLU A 84 -31.59 6.17 -3.16
C GLU A 84 -32.04 6.50 -4.60
N HIS A 85 -31.14 6.95 -5.46
CA HIS A 85 -31.52 7.33 -6.82
C HIS A 85 -31.42 6.30 -7.91
N PHE A 86 -30.45 5.37 -7.81
CA PHE A 86 -30.26 4.33 -8.85
C PHE A 86 -30.07 2.95 -8.23
N PRO A 87 -31.05 2.49 -7.45
CA PRO A 87 -30.94 1.21 -6.75
C PRO A 87 -30.64 -0.03 -7.59
N THR A 88 -31.09 -0.07 -8.83
CA THR A 88 -30.89 -1.26 -9.66
C THR A 88 -29.53 -1.40 -10.31
N VAL A 89 -28.59 -0.52 -9.96
CA VAL A 89 -27.24 -0.54 -10.55
C VAL A 89 -26.59 -1.89 -10.53
N GLU A 90 -25.87 -2.20 -11.62
CA GLU A 90 -25.13 -3.48 -11.78
C GLU A 90 -23.63 -3.31 -11.96
N VAL A 91 -23.20 -2.17 -12.49
CA VAL A 91 -21.80 -1.87 -12.73
C VAL A 91 -21.48 -0.41 -12.49
N ILE A 92 -20.30 -0.14 -11.95
CA ILE A 92 -19.86 1.24 -11.66
C ILE A 92 -18.81 1.63 -12.68
N ALA A 93 -18.96 2.82 -13.24
CA ALA A 93 -18.00 3.32 -14.23
C ALA A 93 -17.39 4.61 -13.75
N GLY A 94 -16.08 4.69 -13.79
CA GLY A 94 -15.38 5.90 -13.38
C GLY A 94 -14.82 6.64 -14.58
N THR A 95 -14.65 7.94 -14.41
CA THR A 95 -14.11 8.82 -15.46
C THR A 95 -12.61 9.06 -15.30
N ALA A 96 -11.86 8.67 -16.32
CA ALA A 96 -10.41 8.83 -16.31
C ALA A 96 -10.12 10.30 -16.16
N THR A 97 -9.24 10.70 -15.23
CA THR A 97 -8.49 9.83 -14.30
C THR A 97 -8.90 10.04 -12.83
N ALA A 98 -9.28 11.26 -12.51
CA ALA A 98 -9.65 11.63 -11.15
C ALA A 98 -10.63 10.68 -10.45
N GLY A 99 -11.77 10.40 -11.11
CA GLY A 99 -12.85 9.53 -10.58
C GLY A 99 -12.67 8.02 -10.60
N ILE A 100 -11.55 7.55 -11.13
CA ILE A 100 -11.29 6.13 -11.12
C ILE A 100 -11.14 5.62 -9.68
N ALA A 101 -10.41 6.35 -8.84
CA ALA A 101 -10.20 5.96 -7.47
C ALA A 101 -11.50 5.93 -6.67
N HIS A 102 -12.35 6.92 -6.87
CA HIS A 102 -13.60 6.97 -6.19
C HIS A 102 -14.50 5.88 -6.67
N ALA A 103 -14.43 5.58 -7.96
CA ALA A 103 -15.26 4.51 -8.48
C ALA A 103 -14.82 3.17 -7.82
N ALA A 104 -13.54 3.05 -7.59
CA ALA A 104 -12.96 1.87 -6.98
C ALA A 104 -13.44 1.67 -5.54
N TRP A 105 -13.50 2.75 -4.77
CA TRP A 105 -13.90 2.67 -3.39
C TRP A 105 -15.41 2.35 -3.30
N VAL A 106 -16.21 2.98 -4.17
CA VAL A 106 -17.65 2.76 -4.24
C VAL A 106 -17.96 1.31 -4.66
N SER A 107 -17.32 0.86 -5.74
CA SER A 107 -17.50 -0.51 -6.23
C SER A 107 -17.21 -1.53 -5.16
N ASP A 108 -16.25 -1.22 -4.32
CA ASP A 108 -15.84 -2.12 -3.29
C ASP A 108 -16.86 -2.17 -2.15
N ARG A 109 -17.35 -1.01 -1.72
CA ARG A 109 -18.34 -0.96 -0.68
C ARG A 109 -19.65 -1.62 -1.13
N MET A 110 -19.95 -1.56 -2.41
CA MET A 110 -21.16 -2.16 -2.97
C MET A 110 -20.97 -3.56 -3.53
N ASP A 111 -19.72 -4.03 -3.57
CA ASP A 111 -19.38 -5.34 -4.09
C ASP A 111 -19.89 -5.49 -5.55
N LEU A 112 -19.54 -4.51 -6.39
CA LEU A 112 -19.96 -4.49 -7.79
C LEU A 112 -18.80 -4.45 -8.76
N PRO A 113 -19.04 -4.97 -9.97
CA PRO A 113 -17.99 -4.89 -10.96
C PRO A 113 -17.74 -3.45 -11.27
N MET A 114 -16.55 -3.18 -11.78
CA MET A 114 -16.18 -1.84 -12.15
C MET A 114 -15.60 -1.84 -13.53
N CYS A 115 -15.65 -0.67 -14.17
CA CYS A 115 -15.04 -0.46 -15.47
C CYS A 115 -14.71 1.02 -15.53
N TYR A 116 -13.95 1.44 -16.55
CA TYR A 116 -13.65 2.86 -16.69
C TYR A 116 -13.59 3.25 -18.15
N VAL A 117 -13.71 4.55 -18.38
CA VAL A 117 -13.72 5.12 -19.73
C VAL A 117 -12.67 6.19 -19.87
N ARG A 118 -11.95 6.15 -20.98
CA ARG A 118 -10.85 7.11 -21.25
C ARG A 118 -11.35 8.46 -21.78
N GLN A 129 -10.96 3.96 -24.54
CA GLN A 129 -12.31 3.54 -24.86
C GLN A 129 -12.91 3.06 -23.50
N ILE A 130 -13.41 1.83 -23.46
CA ILE A 130 -14.00 1.22 -22.26
C ILE A 130 -13.17 0.05 -21.77
N GLU A 131 -12.53 0.22 -20.61
CA GLU A 131 -11.70 -0.83 -20.03
C GLU A 131 -12.43 -1.56 -18.91
N GLY A 132 -12.34 -2.87 -18.90
CA GLY A 132 -13.07 -3.68 -17.94
C GLY A 132 -14.40 -4.02 -18.61
N LYS A 133 -15.00 -5.13 -18.22
CA LYS A 133 -16.28 -5.57 -18.77
C LYS A 133 -17.42 -4.56 -18.53
N ALA A 134 -18.17 -4.31 -19.61
CA ALA A 134 -19.34 -3.43 -19.60
C ALA A 134 -20.24 -3.96 -20.70
N GLU A 135 -20.84 -5.12 -20.42
CA GLU A 135 -21.66 -5.83 -21.40
C GLU A 135 -23.06 -5.24 -21.69
N LYS A 136 -23.52 -5.54 -22.89
CA LYS A 136 -24.84 -5.17 -23.43
C LYS A 136 -25.97 -5.29 -22.39
N GLY A 137 -26.78 -4.23 -22.28
CA GLY A 137 -27.92 -4.17 -21.36
C GLY A 137 -27.70 -3.98 -19.86
N GLN A 138 -26.45 -3.93 -19.42
CA GLN A 138 -26.16 -3.78 -17.98
C GLN A 138 -26.44 -2.36 -17.52
N LYS A 139 -27.03 -2.26 -16.33
CA LYS A 139 -27.36 -0.99 -15.73
C LYS A 139 -26.11 -0.41 -15.10
N VAL A 140 -25.68 0.74 -15.61
CA VAL A 140 -24.48 1.43 -15.17
C VAL A 140 -24.68 2.83 -14.56
N VAL A 141 -23.83 3.13 -13.56
CA VAL A 141 -23.82 4.44 -12.90
C VAL A 141 -22.40 4.99 -13.00
N VAL A 142 -22.29 6.20 -13.51
CA VAL A 142 -21.02 6.85 -13.71
C VAL A 142 -20.65 7.66 -12.47
N VAL A 143 -19.39 7.58 -12.05
CA VAL A 143 -18.89 8.32 -10.90
C VAL A 143 -17.88 9.32 -11.39
N GLU A 144 -18.15 10.58 -11.08
CA GLU A 144 -17.33 11.76 -11.40
C GLU A 144 -16.96 12.49 -10.15
N ASP A 145 -15.87 13.22 -10.18
CA ASP A 145 -15.49 13.99 -9.03
C ASP A 145 -16.03 15.42 -9.17
N LEU A 146 -16.07 15.96 -10.38
CA LEU A 146 -16.56 17.30 -10.59
C LEU A 146 -17.31 17.49 -11.87
N ILE A 147 -18.38 18.29 -11.79
CA ILE A 147 -19.19 18.65 -12.92
C ILE A 147 -19.02 20.17 -13.07
N SER A 148 -18.39 20.65 -14.14
CA SER A 148 -18.27 22.08 -14.39
C SER A 148 -19.08 22.30 -15.63
N THR A 149 -18.54 21.91 -16.79
CA THR A 149 -19.24 22.08 -18.09
C THR A 149 -20.08 20.85 -18.45
N GLY A 150 -19.72 19.70 -17.89
CA GLY A 150 -20.41 18.47 -18.16
C GLY A 150 -19.84 17.66 -19.31
N GLY A 151 -18.81 18.17 -19.97
CA GLY A 151 -18.21 17.48 -21.12
C GLY A 151 -17.66 16.09 -20.85
N SER A 152 -16.98 15.89 -19.72
CA SER A 152 -16.37 14.59 -19.40
C SER A 152 -17.47 13.59 -19.12
N ALA A 153 -18.42 13.97 -18.29
CA ALA A 153 -19.57 13.13 -17.99
C ALA A 153 -20.30 12.67 -19.23
N ILE A 154 -20.63 13.61 -20.11
CA ILE A 154 -21.36 13.27 -21.35
C ILE A 154 -20.56 12.35 -22.23
N THR A 155 -19.29 12.66 -22.41
CA THR A 155 -18.44 11.83 -23.22
C THR A 155 -18.50 10.39 -22.69
N CYS A 156 -18.27 10.26 -21.41
CA CYS A 156 -18.29 8.97 -20.76
C CYS A 156 -19.63 8.26 -20.87
N VAL A 157 -20.72 9.00 -20.74
CA VAL A 157 -22.04 8.42 -20.87
C VAL A 157 -22.25 7.94 -22.31
N GLU A 158 -21.80 8.74 -23.29
CA GLU A 158 -21.98 8.32 -24.68
C GLU A 158 -21.37 7.00 -25.02
N ALA A 159 -20.15 6.81 -24.59
CA ALA A 159 -19.46 5.58 -24.87
C ALA A 159 -20.21 4.41 -24.30
N LEU A 160 -20.70 4.56 -23.07
CA LEU A 160 -21.46 3.48 -22.43
C LEU A 160 -22.71 3.11 -23.19
N ARG A 161 -23.42 4.13 -23.68
CA ARG A 161 -24.63 3.86 -24.48
C ARG A 161 -24.26 3.22 -25.81
N GLU A 162 -23.17 3.72 -26.42
CA GLU A 162 -22.69 3.18 -27.72
C GLU A 162 -22.29 1.72 -27.61
N ALA A 163 -21.83 1.29 -26.44
CA ALA A 163 -21.49 -0.12 -26.23
C ALA A 163 -22.72 -0.98 -25.85
N GLY A 164 -23.89 -0.36 -25.73
CA GLY A 164 -25.13 -1.06 -25.41
C GLY A 164 -25.53 -1.09 -23.95
N CYS A 165 -24.98 -0.20 -23.13
CA CYS A 165 -25.32 -0.17 -21.72
C CYS A 165 -26.43 0.84 -21.41
N GLU A 166 -27.20 0.55 -20.37
CA GLU A 166 -28.26 1.43 -19.91
C GLU A 166 -27.60 2.20 -18.81
N VAL A 167 -27.50 3.51 -19.02
CA VAL A 167 -26.87 4.38 -18.07
C VAL A 167 -27.97 4.96 -17.20
N LEU A 168 -28.03 4.47 -15.97
CA LEU A 168 -29.01 4.94 -15.02
C LEU A 168 -28.86 6.41 -14.69
N GLY A 169 -27.61 6.87 -14.63
CA GLY A 169 -27.33 8.27 -14.29
C GLY A 169 -25.92 8.48 -13.79
N ILE A 170 -25.70 9.63 -13.17
CA ILE A 170 -24.40 9.99 -12.68
C ILE A 170 -24.41 10.49 -11.27
N VAL A 171 -23.34 10.18 -10.54
CA VAL A 171 -23.16 10.70 -9.22
C VAL A 171 -21.80 11.36 -9.23
N SER A 172 -21.69 12.50 -8.55
CA SER A 172 -20.42 13.19 -8.47
C SER A 172 -20.21 13.78 -7.07
N ILE A 173 -18.96 14.11 -6.78
CA ILE A 173 -18.63 14.65 -5.51
C ILE A 173 -19.13 16.07 -5.39
N PHE A 174 -18.93 16.86 -6.44
CA PHE A 174 -19.31 18.24 -6.41
C PHE A 174 -19.70 18.72 -7.78
N THR A 175 -20.49 19.78 -7.80
CA THR A 175 -20.90 20.43 -9.03
C THR A 175 -20.93 21.95 -8.82
N TYR A 176 -20.56 22.69 -9.85
CA TYR A 176 -20.58 24.14 -9.79
C TYR A 176 -21.99 24.66 -10.12
N GLU A 177 -22.93 23.79 -10.50
CA GLU A 177 -24.31 24.22 -10.81
C GLU A 177 -24.40 25.24 -11.96
N LEU A 178 -23.45 25.18 -12.90
CA LEU A 178 -23.46 26.11 -14.04
C LEU A 178 -24.60 25.73 -14.97
N GLU A 179 -25.19 26.74 -15.58
CA GLU A 179 -26.33 26.51 -16.43
C GLU A 179 -25.91 25.70 -17.67
N ALA A 180 -24.75 25.99 -18.25
CA ALA A 180 -24.29 25.24 -19.44
C ALA A 180 -24.18 23.75 -19.14
N GLY A 181 -23.84 23.41 -17.89
CA GLY A 181 -23.72 22.03 -17.46
C GLY A 181 -25.06 21.35 -17.42
N LYS A 182 -26.05 22.03 -16.83
CA LYS A 182 -27.43 21.48 -16.73
C LYS A 182 -28.04 21.18 -18.08
N GLU A 183 -27.87 22.13 -18.99
CA GLU A 183 -28.39 22.04 -20.36
C GLU A 183 -27.88 20.81 -21.11
N LYS A 184 -26.60 20.49 -20.97
CA LYS A 184 -26.03 19.31 -21.65
C LYS A 184 -26.56 18.04 -21.06
N LEU A 185 -26.66 17.99 -19.73
CA LEU A 185 -27.17 16.81 -19.07
C LEU A 185 -28.62 16.57 -19.49
N GLU A 186 -29.38 17.65 -19.73
CA GLU A 186 -30.77 17.53 -20.21
C GLU A 186 -30.80 17.06 -21.65
N ALA A 187 -29.93 17.61 -22.49
CA ALA A 187 -29.89 17.22 -23.92
C ALA A 187 -29.56 15.73 -24.07
N ALA A 188 -28.71 15.22 -23.20
CA ALA A 188 -28.33 13.81 -23.21
C ALA A 188 -29.29 12.90 -22.41
N ASN A 189 -30.27 13.51 -21.75
CA ASN A 189 -31.26 12.81 -20.95
C ASN A 189 -30.58 11.95 -19.89
N VAL A 190 -29.75 12.61 -19.08
CA VAL A 190 -29.00 11.96 -18.04
C VAL A 190 -29.30 12.63 -16.71
N ALA A 191 -29.71 11.83 -15.72
CA ALA A 191 -29.99 12.32 -14.39
C ALA A 191 -28.66 12.40 -13.64
N SER A 192 -28.42 13.52 -12.96
CA SER A 192 -27.19 13.73 -12.22
C SER A 192 -27.46 14.24 -10.81
N TYR A 193 -26.76 13.66 -9.84
CA TYR A 193 -26.87 14.03 -8.44
C TYR A 193 -25.45 14.18 -7.93
N SER A 194 -25.24 15.15 -7.06
CA SER A 194 -23.95 15.41 -6.50
C SER A 194 -23.96 15.39 -4.97
N LEU A 195 -22.85 14.98 -4.36
CA LEU A 195 -22.80 14.96 -2.89
C LEU A 195 -22.96 16.32 -2.33
N SER A 196 -22.35 17.29 -2.96
CA SER A 196 -22.43 18.68 -2.52
C SER A 196 -22.38 19.58 -3.72
N ASP A 197 -22.62 20.87 -3.51
CA ASP A 197 -22.64 21.82 -4.62
C ASP A 197 -22.31 23.26 -4.21
N TYR A 198 -22.15 24.10 -5.22
CA TYR A 198 -21.80 25.52 -5.07
C TYR A 198 -22.60 26.30 -4.05
N SER A 199 -23.93 26.13 -4.08
CA SER A 199 -24.79 26.87 -3.15
C SER A 199 -24.59 26.42 -1.72
N ALA A 200 -24.47 25.11 -1.52
CA ALA A 200 -24.27 24.58 -0.17
C ALA A 200 -22.91 25.03 0.36
N LEU A 201 -21.89 25.01 -0.51
CA LEU A 201 -20.53 25.46 -0.13
C LEU A 201 -20.60 26.91 0.25
N THR A 202 -21.28 27.69 -0.59
CA THR A 202 -21.47 29.13 -0.36
C THR A 202 -22.15 29.41 1.00
N GLU A 203 -23.28 28.77 1.26
CA GLU A 203 -24.01 28.92 2.50
C GLU A 203 -23.08 28.52 3.65
N VAL A 204 -22.35 27.40 3.51
CA VAL A 204 -21.43 26.94 4.55
C VAL A 204 -20.35 27.93 4.84
N ALA A 205 -19.68 28.41 3.79
CA ALA A 205 -18.59 29.36 3.97
C ALA A 205 -19.05 30.60 4.72
N ALA A 206 -20.25 31.08 4.41
CA ALA A 206 -20.83 32.26 5.10
C ALA A 206 -21.12 31.94 6.57
N GLU A 207 -21.67 30.76 6.88
CA GLU A 207 -21.94 30.38 8.27
C GLU A 207 -20.71 30.41 9.14
N LYS A 208 -19.60 29.96 8.57
CA LYS A 208 -18.32 29.94 9.27
C LYS A 208 -17.62 31.30 9.31
N GLY A 209 -18.06 32.28 8.52
CA GLY A 209 -17.42 33.61 8.49
C GLY A 209 -16.23 33.71 7.51
N ILE A 210 -16.03 32.68 6.70
CA ILE A 210 -14.96 32.66 5.72
C ILE A 210 -15.22 33.75 4.67
N ILE A 211 -16.50 34.08 4.47
CA ILE A 211 -16.93 35.12 3.54
C ILE A 211 -18.03 35.90 4.19
N GLY A 212 -18.22 37.11 3.67
CA GLY A 212 -19.23 38.05 4.13
C GLY A 212 -20.34 38.22 3.10
N GLN A 213 -21.15 39.25 3.33
CA GLN A 213 -22.32 39.52 2.50
C GLN A 213 -21.99 39.96 1.09
N ALA A 214 -20.99 40.84 0.98
CA ALA A 214 -20.54 41.36 -0.33
C ALA A 214 -19.99 40.26 -1.23
N GLU A 215 -19.20 39.37 -0.63
CA GLU A 215 -18.57 38.30 -1.36
C GLU A 215 -19.62 37.28 -1.76
N THR A 216 -20.68 37.15 -0.98
CA THR A 216 -21.76 36.22 -1.32
C THR A 216 -22.42 36.66 -2.62
N LYS A 217 -22.59 37.97 -2.84
CA LYS A 217 -23.23 38.44 -4.07
C LYS A 217 -22.36 38.25 -5.31
N LYS A 218 -21.03 38.38 -5.17
CA LYS A 218 -20.14 38.16 -6.31
C LYS A 218 -20.26 36.69 -6.72
N LEU A 219 -20.30 35.80 -5.71
CA LEU A 219 -20.44 34.37 -5.94
C LEU A 219 -21.74 33.98 -6.61
N GLN A 220 -22.85 34.56 -6.18
CA GLN A 220 -24.14 34.24 -6.80
C GLN A 220 -24.19 34.67 -8.28
N GLU A 221 -23.62 35.84 -8.58
CA GLU A 221 -23.57 36.36 -9.94
C GLU A 221 -22.60 35.65 -10.86
N TRP A 222 -21.49 35.15 -10.31
CA TRP A 222 -20.58 34.40 -11.13
C TRP A 222 -21.29 33.15 -11.67
N ARG A 223 -22.05 32.46 -10.80
CA ARG A 223 -22.80 31.26 -11.20
C ARG A 223 -23.80 31.54 -12.31
N LYS A 224 -24.49 32.68 -12.25
CA LYS A 224 -25.51 33.02 -13.28
C LYS A 224 -24.87 33.37 -14.62
N ASN A 225 -23.78 34.13 -14.62
CA ASN A 225 -23.05 34.51 -15.83
C ASN A 225 -21.53 34.42 -15.64
N PRO A 226 -20.96 33.20 -15.71
CA PRO A 226 -19.52 33.00 -15.54
C PRO A 226 -18.65 33.56 -16.67
N ALA A 227 -19.20 33.66 -17.89
CA ALA A 227 -18.47 34.20 -19.03
C ALA A 227 -18.26 35.72 -18.86
N ASP A 228 -19.24 36.37 -18.23
CA ASP A 228 -19.22 37.83 -18.01
C ASP A 228 -18.47 38.25 -16.73
N GLU A 229 -17.42 39.08 -16.90
CA GLU A 229 -16.61 39.58 -15.78
C GLU A 229 -17.21 40.80 -15.05
N ALA A 230 -18.51 40.73 -14.78
CA ALA A 230 -19.22 41.77 -14.05
C ALA A 230 -19.07 41.42 -12.58
N TRP A 231 -19.32 40.15 -12.27
CA TRP A 231 -19.26 39.63 -10.93
C TRP A 231 -18.03 40.12 -10.19
N ILE A 232 -16.89 40.24 -10.88
CA ILE A 232 -15.65 40.70 -10.24
C ILE A 232 -15.90 41.96 -9.38
N THR A 233 -16.73 42.87 -9.88
CA THR A 233 -17.06 44.10 -9.16
C THR A 233 -18.57 44.25 -8.98
N ALA A 234 -19.17 43.26 -8.32
CA ALA A 234 -20.60 43.24 -8.02
C ALA A 234 -20.77 43.73 -6.57
N ASN B 17 7.24 -22.28 4.48
CA ASN B 17 8.48 -21.45 4.29
C ASN B 17 8.25 -20.36 3.27
N LEU B 18 8.98 -19.24 3.39
CA LEU B 18 8.76 -18.13 2.46
C LEU B 18 8.61 -18.51 0.99
N TYR B 19 9.60 -19.22 0.46
CA TYR B 19 9.61 -19.60 -0.95
C TYR B 19 8.30 -20.21 -1.44
N PHE B 20 7.77 -21.19 -0.71
CA PHE B 20 6.52 -21.82 -1.15
C PHE B 20 5.34 -20.87 -1.06
N GLN B 21 5.27 -20.09 0.03
CA GLN B 21 4.20 -19.09 0.19
C GLN B 21 4.20 -18.20 -1.06
N SER B 22 5.35 -17.57 -1.30
CA SER B 22 5.51 -16.69 -2.42
C SER B 22 5.06 -17.31 -3.76
N ASN B 23 5.54 -18.52 -4.06
CA ASN B 23 5.24 -19.15 -5.34
C ASN B 23 3.80 -19.69 -5.45
N ALA B 24 3.22 -20.06 -4.32
CA ALA B 24 1.83 -20.54 -4.28
C ALA B 24 0.96 -19.35 -4.72
N MET B 25 1.26 -18.17 -4.17
CA MET B 25 0.57 -16.95 -4.52
C MET B 25 0.78 -16.60 -6.02
N LYS B 26 2.00 -16.69 -6.54
CA LYS B 26 2.22 -16.41 -7.96
C LYS B 26 1.39 -17.32 -8.85
N LYS B 27 1.28 -18.58 -8.48
CA LYS B 27 0.48 -19.54 -9.25
C LYS B 27 -1.03 -19.31 -9.11
N GLU B 28 -1.51 -19.01 -7.90
CA GLU B 28 -2.95 -18.76 -7.70
C GLU B 28 -3.38 -17.57 -8.56
N ILE B 29 -2.62 -16.47 -8.45
CA ILE B 29 -2.89 -15.26 -9.18
C ILE B 29 -2.82 -15.46 -10.69
N ALA B 30 -1.87 -16.26 -11.14
CA ALA B 30 -1.74 -16.53 -12.57
C ALA B 30 -2.93 -17.31 -13.09
N SER B 31 -3.44 -18.21 -12.25
CA SER B 31 -4.61 -19.03 -12.54
C SER B 31 -5.80 -18.10 -12.67
N HIS B 32 -5.91 -17.13 -11.78
CA HIS B 32 -7.03 -16.18 -11.85
C HIS B 32 -6.98 -15.33 -13.07
N LEU B 33 -5.79 -14.92 -13.48
CA LEU B 33 -5.67 -14.08 -14.67
C LEU B 33 -6.08 -14.90 -15.90
N LEU B 34 -5.69 -16.17 -15.97
CA LEU B 34 -6.11 -17.02 -17.11
C LEU B 34 -7.61 -17.21 -17.14
N GLU B 35 -8.18 -17.57 -16.00
CA GLU B 35 -9.61 -17.81 -15.89
C GLU B 35 -10.50 -16.66 -16.38
N ILE B 36 -10.14 -15.42 -16.07
CA ILE B 36 -10.95 -14.26 -16.45
C ILE B 36 -10.57 -13.65 -17.79
N GLY B 37 -9.63 -14.23 -18.55
CA GLY B 37 -9.22 -13.64 -19.82
C GLY B 37 -8.29 -12.42 -19.70
N ALA B 38 -7.67 -12.20 -18.54
CA ALA B 38 -6.76 -11.07 -18.36
C ALA B 38 -5.38 -11.40 -18.93
N VAL B 39 -5.10 -12.68 -19.13
CA VAL B 39 -3.82 -13.11 -19.74
C VAL B 39 -4.10 -14.30 -20.67
N PHE B 40 -3.38 -14.40 -21.77
CA PHE B 40 -3.50 -15.53 -22.69
C PHE B 40 -2.09 -15.97 -23.10
N LEU B 41 -1.89 -17.29 -23.33
CA LEU B 41 -0.63 -17.92 -23.79
C LEU B 41 -0.86 -18.73 -25.04
N GLN B 42 -0.24 -18.32 -26.14
CA GLN B 42 -0.39 -18.98 -27.41
C GLN B 42 0.90 -19.01 -28.17
N PRO B 43 1.87 -19.73 -27.64
CA PRO B 43 3.19 -19.81 -28.30
C PRO B 43 3.10 -20.40 -29.70
N ASN B 44 2.12 -21.27 -29.94
CA ASN B 44 1.89 -21.88 -31.26
C ASN B 44 0.93 -21.09 -32.16
N ASP B 45 0.43 -19.95 -31.69
CA ASP B 45 -0.44 -19.05 -32.47
C ASP B 45 -0.18 -17.65 -31.88
N PRO B 46 0.98 -17.05 -32.22
CA PRO B 46 1.43 -15.76 -31.66
C PRO B 46 0.52 -14.55 -31.84
N PHE B 47 0.51 -13.67 -30.84
CA PHE B 47 -0.22 -12.40 -30.90
C PHE B 47 0.72 -11.40 -31.55
N THR B 48 0.18 -10.23 -31.88
CA THR B 48 0.95 -9.15 -32.46
C THR B 48 0.59 -7.93 -31.66
N TRP B 49 1.52 -7.40 -30.87
CA TRP B 49 1.22 -6.21 -30.07
C TRP B 49 1.02 -4.99 -30.93
N SER B 50 0.52 -3.92 -30.31
CA SER B 50 0.29 -2.66 -31.02
C SER B 50 1.63 -2.10 -31.53
N SER B 51 2.74 -2.44 -30.86
CA SER B 51 4.07 -2.02 -31.31
C SER B 51 4.55 -2.73 -32.60
N GLY B 52 3.87 -3.78 -33.03
CA GLY B 52 4.25 -4.52 -34.25
C GLY B 52 4.94 -5.85 -33.92
N MET B 53 5.49 -5.97 -32.72
CA MET B 53 6.17 -7.18 -32.27
C MET B 53 5.22 -8.38 -31.98
N LYS B 54 5.68 -9.57 -32.37
CA LYS B 54 4.98 -10.81 -32.15
C LYS B 54 5.24 -11.25 -30.73
N SER B 55 4.24 -11.85 -30.09
CA SER B 55 4.40 -12.30 -28.72
C SER B 55 3.56 -13.53 -28.47
N PRO B 56 4.02 -14.41 -27.55
CA PRO B 56 3.28 -15.63 -27.18
C PRO B 56 2.35 -15.33 -26.03
N ILE B 57 2.39 -14.08 -25.54
CA ILE B 57 1.57 -13.70 -24.42
C ILE B 57 0.85 -12.38 -24.66
N TYR B 58 -0.34 -12.27 -24.08
CA TYR B 58 -1.17 -11.07 -24.14
C TYR B 58 -1.72 -10.86 -22.76
N CYS B 59 -1.66 -9.62 -22.28
CA CYS B 59 -2.09 -9.27 -20.95
C CYS B 59 -2.90 -7.98 -20.84
N ASP B 60 -4.15 -8.08 -20.36
CA ASP B 60 -4.99 -6.93 -20.12
C ASP B 60 -5.52 -7.06 -18.68
N ASN B 61 -4.74 -6.53 -17.74
CA ASN B 61 -5.13 -6.56 -16.33
C ASN B 61 -6.31 -5.65 -15.95
N ARG B 62 -6.77 -4.80 -16.87
CA ARG B 62 -7.88 -3.91 -16.58
C ARG B 62 -9.15 -4.74 -16.33
N LEU B 63 -9.21 -5.95 -16.91
CA LEU B 63 -10.33 -6.87 -16.69
C LEU B 63 -10.52 -7.28 -15.24
N THR B 64 -9.46 -7.25 -14.44
CA THR B 64 -9.59 -7.62 -13.03
C THR B 64 -10.62 -6.76 -12.31
N LEU B 65 -10.82 -5.54 -12.78
CA LEU B 65 -11.76 -4.61 -12.20
C LEU B 65 -13.20 -5.10 -12.21
N SER B 66 -13.51 -5.93 -13.18
CA SER B 66 -14.85 -6.47 -13.31
C SER B 66 -15.15 -7.70 -12.46
N TYR B 67 -14.17 -8.17 -11.69
CA TYR B 67 -14.31 -9.37 -10.86
C TYR B 67 -14.02 -9.08 -9.41
N PRO B 68 -15.05 -8.71 -8.62
CA PRO B 68 -14.81 -8.35 -7.22
C PRO B 68 -13.95 -9.31 -6.37
N LYS B 69 -14.17 -10.62 -6.45
CA LYS B 69 -13.35 -11.52 -5.64
C LYS B 69 -11.89 -11.51 -6.08
N VAL B 70 -11.65 -11.53 -7.39
CA VAL B 70 -10.29 -11.55 -7.90
C VAL B 70 -9.52 -10.28 -7.56
N ARG B 71 -10.09 -9.10 -7.78
CA ARG B 71 -9.40 -7.84 -7.47
C ARG B 71 -9.09 -7.71 -5.98
N GLN B 72 -9.95 -8.23 -5.11
CA GLN B 72 -9.68 -8.14 -3.64
C GLN B 72 -8.52 -9.02 -3.28
N THR B 73 -8.45 -10.20 -3.87
CA THR B 73 -7.32 -11.11 -3.65
C THR B 73 -6.04 -10.41 -4.09
N ILE B 74 -6.09 -9.74 -5.23
CA ILE B 74 -4.94 -8.99 -5.75
C ILE B 74 -4.52 -7.88 -4.80
N ALA B 75 -5.47 -7.08 -4.34
CA ALA B 75 -5.14 -6.01 -3.38
C ALA B 75 -4.53 -6.59 -2.08
N ALA B 76 -5.06 -7.71 -1.61
CA ALA B 76 -4.54 -8.37 -0.40
C ALA B 76 -3.13 -8.79 -0.68
N GLY B 77 -2.91 -9.34 -1.87
CA GLY B 77 -1.60 -9.74 -2.30
C GLY B 77 -0.63 -8.58 -2.32
N LEU B 78 -1.02 -7.46 -2.94
CA LEU B 78 -0.12 -6.28 -3.01
C LEU B 78 0.16 -5.71 -1.64
N GLU B 79 -0.84 -5.74 -0.75
CA GLU B 79 -0.63 -5.25 0.61
C GLU B 79 0.47 -6.11 1.25
N GLU B 80 0.38 -7.42 1.09
CA GLU B 80 1.35 -8.36 1.66
C GLU B 80 2.76 -8.09 1.12
N LEU B 81 2.92 -7.90 -0.19
CA LEU B 81 4.25 -7.60 -0.72
C LEU B 81 4.78 -6.32 -0.13
N ILE B 82 3.90 -5.34 0.07
CA ILE B 82 4.34 -4.06 0.61
C ILE B 82 4.79 -4.22 2.06
N LYS B 83 4.07 -5.02 2.85
CA LYS B 83 4.46 -5.24 4.24
C LYS B 83 5.80 -6.01 4.39
N GLU B 84 6.05 -6.99 3.54
CA GLU B 84 7.32 -7.73 3.62
C GLU B 84 8.51 -6.94 3.12
N HIS B 85 8.37 -6.34 1.94
CA HIS B 85 9.48 -5.65 1.33
C HIS B 85 9.65 -4.17 1.63
N PHE B 86 8.55 -3.43 1.83
CA PHE B 86 8.62 -1.99 2.09
C PHE B 86 7.74 -1.57 3.28
N PRO B 87 7.96 -2.19 4.46
CA PRO B 87 7.14 -1.92 5.66
C PRO B 87 6.96 -0.49 6.10
N THR B 88 7.96 0.37 5.88
CA THR B 88 7.88 1.78 6.33
C THR B 88 7.08 2.72 5.43
N VAL B 89 6.42 2.19 4.41
CA VAL B 89 5.67 3.02 3.48
C VAL B 89 4.76 4.01 4.16
N GLU B 90 4.67 5.21 3.59
CA GLU B 90 3.81 6.30 4.08
C GLU B 90 2.73 6.76 3.06
N VAL B 91 2.99 6.60 1.77
CA VAL B 91 2.07 7.00 0.70
C VAL B 91 2.11 6.03 -0.48
N ILE B 92 0.96 5.81 -1.10
CA ILE B 92 0.85 4.90 -2.24
C ILE B 92 0.66 5.73 -3.49
N ALA B 93 1.35 5.39 -4.55
CA ALA B 93 1.24 6.11 -5.81
C ALA B 93 0.87 5.14 -6.91
N GLY B 94 -0.16 5.49 -7.67
CA GLY B 94 -0.61 4.66 -8.77
C GLY B 94 -0.27 5.29 -10.09
N THR B 95 -0.13 4.43 -11.10
CA THR B 95 0.23 4.82 -12.45
C THR B 95 -1.01 4.98 -13.31
N ALA B 96 -1.19 6.18 -13.83
CA ALA B 96 -2.32 6.48 -14.68
C ALA B 96 -2.26 5.59 -15.91
N THR B 97 -3.35 4.90 -16.30
CA THR B 97 -4.65 4.90 -15.65
C THR B 97 -5.01 3.54 -15.02
N ALA B 98 -4.50 2.47 -15.60
CA ALA B 98 -4.78 1.10 -15.14
C ALA B 98 -4.62 0.87 -13.63
N GLY B 99 -3.44 1.23 -13.10
CA GLY B 99 -3.06 1.05 -11.69
C GLY B 99 -3.64 2.01 -10.66
N ILE B 100 -4.43 2.98 -11.09
CA ILE B 100 -5.06 3.89 -10.16
C ILE B 100 -6.07 3.14 -9.27
N ALA B 101 -6.87 2.26 -9.87
CA ALA B 101 -7.87 1.49 -9.12
C ALA B 101 -7.24 0.53 -8.11
N HIS B 102 -6.14 -0.11 -8.50
CA HIS B 102 -5.44 -1.00 -7.60
C HIS B 102 -4.76 -0.25 -6.50
N ALA B 103 -4.25 0.94 -6.83
CA ALA B 103 -3.61 1.74 -5.81
C ALA B 103 -4.67 2.15 -4.78
N ALA B 104 -5.88 2.40 -5.27
CA ALA B 104 -6.97 2.81 -4.46
C ALA B 104 -7.37 1.72 -3.47
N TRP B 105 -7.41 0.48 -3.93
CA TRP B 105 -7.79 -0.62 -3.05
C TRP B 105 -6.73 -0.89 -2.01
N VAL B 106 -5.47 -0.83 -2.42
CA VAL B 106 -4.34 -1.04 -1.52
C VAL B 106 -4.27 0.08 -0.45
N SER B 107 -4.35 1.33 -0.89
CA SER B 107 -4.34 2.46 0.04
C SER B 107 -5.41 2.32 1.11
N ASP B 108 -6.54 1.76 0.70
CA ASP B 108 -7.65 1.63 1.58
C ASP B 108 -7.44 0.54 2.61
N ARG B 109 -6.96 -0.60 2.18
CA ARG B 109 -6.70 -1.70 3.10
C ARG B 109 -5.62 -1.31 4.09
N MET B 110 -4.70 -0.45 3.68
CA MET B 110 -3.59 -0.02 4.53
C MET B 110 -3.85 1.29 5.25
N ASP B 111 -4.96 1.96 4.92
CA ASP B 111 -5.32 3.23 5.53
C ASP B 111 -4.20 4.27 5.33
N LEU B 112 -3.74 4.38 4.08
CA LEU B 112 -2.68 5.33 3.73
C LEU B 112 -3.09 6.35 2.67
N PRO B 113 -2.42 7.51 2.69
CA PRO B 113 -2.73 8.51 1.68
C PRO B 113 -2.36 7.96 0.32
N MET B 114 -2.97 8.53 -0.71
CA MET B 114 -2.71 8.13 -2.05
C MET B 114 -2.51 9.34 -2.93
N CYS B 115 -1.77 9.12 -4.01
CA CYS B 115 -1.54 10.14 -5.03
C CYS B 115 -1.39 9.36 -6.34
N TYR B 116 -1.35 10.07 -7.46
CA TYR B 116 -1.09 9.38 -8.72
C TYR B 116 -0.21 10.26 -9.64
N VAL B 117 0.39 9.59 -10.64
CA VAL B 117 1.30 10.23 -11.62
C VAL B 117 0.80 9.97 -13.04
N ARG B 118 0.76 11.02 -13.84
CA ARG B 118 0.25 10.96 -15.22
C ARG B 118 1.23 10.37 -16.29
N SER B 119 2.11 11.23 -16.88
CA SER B 119 3.08 10.89 -17.96
C SER B 119 2.76 11.73 -19.20
N GLY B 127 -3.16 19.27 -16.64
CA GLY B 127 -3.04 19.22 -15.18
C GLY B 127 -1.66 18.75 -14.72
N ASN B 128 -1.37 18.89 -13.41
CA ASN B 128 -0.05 18.49 -12.83
C ASN B 128 0.34 17.01 -13.02
N GLN B 129 1.65 16.75 -13.10
CA GLN B 129 2.14 15.40 -13.29
C GLN B 129 1.90 14.50 -12.06
N ILE B 130 2.02 15.07 -10.87
CA ILE B 130 1.77 14.38 -9.62
C ILE B 130 0.54 14.98 -9.00
N GLU B 131 -0.55 14.23 -8.98
CA GLU B 131 -1.83 14.70 -8.40
C GLU B 131 -2.00 14.11 -7.00
N GLY B 132 -2.44 14.92 -6.06
CA GLY B 132 -2.61 14.49 -4.69
C GLY B 132 -1.30 14.83 -4.02
N LYS B 133 -1.36 15.00 -2.70
CA LYS B 133 -0.17 15.30 -1.90
C LYS B 133 0.88 14.20 -1.93
N ALA B 134 2.11 14.63 -2.15
CA ALA B 134 3.30 13.76 -2.19
C ALA B 134 4.43 14.67 -1.75
N GLU B 135 4.45 14.96 -0.46
CA GLU B 135 5.41 15.88 0.10
C GLU B 135 6.83 15.36 0.30
N LYS B 136 7.76 16.32 0.28
CA LYS B 136 9.19 16.08 0.50
C LYS B 136 9.47 15.09 1.64
N GLY B 137 10.36 14.15 1.34
CA GLY B 137 10.80 13.14 2.31
C GLY B 137 9.88 11.97 2.66
N GLN B 138 8.66 11.95 2.11
N GLN B 138 8.66 11.95 2.12
CA GLN B 138 7.73 10.87 2.40
CA GLN B 138 7.73 10.87 2.41
C GLN B 138 8.13 9.60 1.66
C GLN B 138 8.13 9.60 1.66
N LYS B 139 8.00 8.48 2.36
CA LYS B 139 8.34 7.16 1.82
C LYS B 139 7.17 6.69 0.96
N VAL B 140 7.43 6.53 -0.35
CA VAL B 140 6.42 6.13 -1.33
C VAL B 140 6.66 4.78 -2.03
N VAL B 141 5.56 4.09 -2.33
CA VAL B 141 5.56 2.83 -3.05
C VAL B 141 4.65 2.99 -4.25
N VAL B 142 5.18 2.68 -5.44
CA VAL B 142 4.42 2.79 -6.66
C VAL B 142 3.70 1.47 -6.95
N VAL B 143 2.45 1.55 -7.42
CA VAL B 143 1.65 0.36 -7.77
C VAL B 143 1.38 0.41 -9.25
N GLU B 144 1.78 -0.65 -9.94
CA GLU B 144 1.63 -0.86 -11.39
C GLU B 144 0.87 -2.14 -11.63
N ASP B 145 0.20 -2.26 -12.76
CA ASP B 145 -0.49 -3.50 -13.06
C ASP B 145 0.43 -4.40 -13.88
N LEU B 146 1.24 -3.82 -14.73
CA LEU B 146 2.13 -4.62 -15.57
C LEU B 146 3.48 -3.96 -15.81
N ILE B 147 4.53 -4.78 -15.82
CA ILE B 147 5.91 -4.38 -16.12
C ILE B 147 6.30 -5.13 -17.39
N SER B 148 6.55 -4.44 -18.51
CA SER B 148 7.02 -5.10 -19.73
C SER B 148 8.44 -4.56 -19.93
N THR B 149 8.58 -3.33 -20.45
CA THR B 149 9.92 -2.69 -20.70
C THR B 149 10.43 -1.92 -19.48
N GLY B 150 9.51 -1.53 -18.60
CA GLY B 150 9.85 -0.78 -17.40
C GLY B 150 9.79 0.74 -17.58
N GLY B 151 9.49 1.22 -18.79
CA GLY B 151 9.44 2.68 -19.05
C GLY B 151 8.46 3.49 -18.21
N SER B 152 7.25 2.98 -18.03
CA SER B 152 6.25 3.71 -17.26
C SER B 152 6.69 3.82 -15.82
N ALA B 153 7.06 2.68 -15.26
CA ALA B 153 7.51 2.62 -13.89
C ALA B 153 8.63 3.63 -13.64
N ILE B 154 9.69 3.59 -14.46
CA ILE B 154 10.85 4.48 -14.31
C ILE B 154 10.44 5.95 -14.40
N THR B 155 9.64 6.28 -15.40
CA THR B 155 9.15 7.65 -15.53
C THR B 155 8.44 8.09 -14.22
N CYS B 156 7.48 7.28 -13.78
N CYS B 156 7.48 7.29 -13.77
CA CYS B 156 6.74 7.56 -12.57
CA CYS B 156 6.74 7.57 -12.54
C CYS B 156 7.66 7.69 -11.34
C CYS B 156 7.68 7.70 -11.33
N VAL B 157 8.69 6.84 -11.25
CA VAL B 157 9.61 6.90 -10.14
C VAL B 157 10.44 8.17 -10.19
N GLU B 158 10.88 8.55 -11.39
CA GLU B 158 11.68 9.76 -11.51
C GLU B 158 10.97 10.98 -11.02
N ALA B 159 9.68 11.11 -11.38
CA ALA B 159 8.91 12.27 -10.95
C ALA B 159 8.86 12.33 -9.44
N LEU B 160 8.59 11.21 -8.80
CA LEU B 160 8.51 11.18 -7.33
C LEU B 160 9.81 11.61 -6.65
N ARG B 161 10.94 11.15 -7.19
CA ARG B 161 12.25 11.55 -6.64
C ARG B 161 12.49 13.02 -6.90
N GLU B 162 12.12 13.49 -8.08
CA GLU B 162 12.30 14.93 -8.41
C GLU B 162 11.48 15.84 -7.51
N ALA B 163 10.33 15.37 -7.04
CA ALA B 163 9.50 16.17 -6.14
C ALA B 163 10.00 16.06 -4.68
N GLY B 164 11.07 15.28 -4.44
CA GLY B 164 11.66 15.12 -3.12
C GLY B 164 11.20 13.93 -2.30
N CYS B 165 10.57 12.92 -2.93
CA CYS B 165 10.08 11.74 -2.23
C CYS B 165 11.10 10.60 -2.27
N GLU B 166 11.08 9.77 -1.22
CA GLU B 166 11.93 8.61 -1.16
C GLU B 166 11.02 7.51 -1.68
N VAL B 167 11.43 6.89 -2.77
CA VAL B 167 10.68 5.81 -3.40
C VAL B 167 11.27 4.51 -2.93
N LEU B 168 10.54 3.87 -2.04
CA LEU B 168 10.97 2.59 -1.47
C LEU B 168 11.07 1.49 -2.53
N GLY B 169 10.18 1.52 -3.50
CA GLY B 169 10.14 0.51 -4.55
C GLY B 169 8.80 0.43 -5.28
N ILE B 170 8.62 -0.64 -6.05
CA ILE B 170 7.44 -0.83 -6.83
C ILE B 170 6.86 -2.20 -6.65
N VAL B 171 5.53 -2.27 -6.68
CA VAL B 171 4.84 -3.52 -6.63
C VAL B 171 3.95 -3.52 -7.84
N SER B 172 3.81 -4.68 -8.49
CA SER B 172 2.93 -4.79 -9.65
C SER B 172 2.21 -6.12 -9.65
N ILE B 173 1.14 -6.19 -10.41
CA ILE B 173 0.36 -7.42 -10.47
C ILE B 173 1.11 -8.48 -11.24
N PHE B 174 1.68 -8.09 -12.36
CA PHE B 174 2.35 -9.04 -13.20
C PHE B 174 3.54 -8.42 -13.91
N THR B 175 4.47 -9.28 -14.32
CA THR B 175 5.63 -8.87 -15.06
C THR B 175 5.97 -9.93 -16.04
N TYR B 176 6.46 -9.50 -17.18
CA TYR B 176 6.90 -10.43 -18.19
C TYR B 176 8.33 -10.93 -17.92
N GLU B 177 9.03 -10.40 -16.91
CA GLU B 177 10.41 -10.82 -16.58
C GLU B 177 11.43 -10.59 -17.71
N LEU B 178 11.20 -9.58 -18.56
CA LEU B 178 12.13 -9.29 -19.67
C LEU B 178 13.42 -8.75 -19.12
N GLU B 179 14.53 -9.15 -19.74
CA GLU B 179 15.84 -8.74 -19.27
C GLU B 179 16.03 -7.22 -19.42
N ALA B 180 15.56 -6.64 -20.53
CA ALA B 180 15.67 -5.17 -20.72
C ALA B 180 14.95 -4.42 -19.57
N GLY B 181 13.86 -5.01 -19.06
CA GLY B 181 13.11 -4.41 -17.95
C GLY B 181 13.92 -4.42 -16.67
N LYS B 182 14.54 -5.56 -16.36
CA LYS B 182 15.36 -5.70 -15.13
C LYS B 182 16.51 -4.72 -15.07
N GLU B 183 17.20 -4.60 -16.20
CA GLU B 183 18.34 -3.71 -16.36
C GLU B 183 18.03 -2.26 -16.06
N LYS B 184 16.90 -1.75 -16.55
CA LYS B 184 16.50 -0.36 -16.27
C LYS B 184 16.19 -0.18 -14.80
N LEU B 185 15.47 -1.13 -14.21
CA LEU B 185 15.11 -1.05 -12.79
C LEU B 185 16.37 -1.01 -11.93
N GLU B 186 17.41 -1.73 -12.35
CA GLU B 186 18.68 -1.70 -11.65
C GLU B 186 19.41 -0.36 -11.84
N ALA B 187 19.41 0.16 -13.07
CA ALA B 187 20.07 1.44 -13.38
C ALA B 187 19.44 2.57 -12.57
N ALA B 188 18.12 2.50 -12.36
CA ALA B 188 17.38 3.49 -11.55
C ALA B 188 17.37 3.17 -10.03
N ASN B 189 17.95 2.03 -9.64
CA ASN B 189 18.04 1.60 -8.24
C ASN B 189 16.69 1.53 -7.62
N VAL B 190 15.81 0.80 -8.29
CA VAL B 190 14.46 0.63 -7.86
C VAL B 190 14.19 -0.86 -7.71
N ALA B 191 13.80 -1.25 -6.51
CA ALA B 191 13.47 -2.63 -6.22
C ALA B 191 12.03 -2.85 -6.69
N SER B 192 11.81 -3.93 -7.42
CA SER B 192 10.50 -4.25 -7.95
C SER B 192 10.14 -5.68 -7.64
N TYR B 193 8.91 -5.85 -7.17
CA TYR B 193 8.38 -7.14 -6.84
C TYR B 193 7.02 -7.21 -7.51
N SER B 194 6.64 -8.40 -7.97
CA SER B 194 5.37 -8.60 -8.65
C SER B 194 4.59 -9.72 -8.04
N LEU B 195 3.27 -9.59 -8.08
CA LEU B 195 2.40 -10.60 -7.46
C LEU B 195 2.53 -11.94 -8.18
N SER B 196 2.69 -11.89 -9.49
CA SER B 196 2.89 -13.09 -10.30
C SER B 196 3.77 -12.73 -11.45
N ASP B 197 4.21 -13.74 -12.20
CA ASP B 197 5.10 -13.49 -13.32
C ASP B 197 5.03 -14.56 -14.39
N TYR B 198 5.71 -14.28 -15.51
CA TYR B 198 5.75 -15.14 -16.69
C TYR B 198 6.06 -16.59 -16.41
N SER B 199 7.06 -16.85 -15.59
CA SER B 199 7.45 -18.22 -15.29
C SER B 199 6.35 -18.97 -14.52
N ALA B 200 5.74 -18.30 -13.55
CA ALA B 200 4.72 -18.95 -12.75
C ALA B 200 3.50 -19.21 -13.62
N LEU B 201 3.21 -18.26 -14.51
CA LEU B 201 2.09 -18.39 -15.44
C LEU B 201 2.39 -19.59 -16.31
N THR B 202 3.63 -19.65 -16.82
CA THR B 202 4.10 -20.76 -17.65
C THR B 202 3.94 -22.12 -16.95
N GLU B 203 4.43 -22.25 -15.74
CA GLU B 203 4.30 -23.51 -15.00
C GLU B 203 2.79 -23.82 -14.82
N VAL B 204 2.00 -22.81 -14.52
CA VAL B 204 0.54 -23.03 -14.34
C VAL B 204 -0.17 -23.48 -15.62
N ALA B 205 0.16 -22.81 -16.72
CA ALA B 205 -0.43 -23.11 -18.03
C ALA B 205 -0.17 -24.57 -18.39
N ALA B 206 1.01 -25.04 -18.05
CA ALA B 206 1.34 -26.44 -18.30
C ALA B 206 0.48 -27.36 -17.39
N GLU B 207 0.32 -27.02 -16.13
CA GLU B 207 -0.47 -27.85 -15.19
C GLU B 207 -1.89 -28.03 -15.69
N LYS B 208 -2.44 -27.00 -16.35
CA LYS B 208 -3.78 -27.06 -16.93
C LYS B 208 -3.87 -27.69 -18.32
N GLY B 209 -2.76 -27.94 -18.97
CA GLY B 209 -2.75 -28.53 -20.31
C GLY B 209 -2.91 -27.51 -21.44
N ILE B 210 -2.83 -26.24 -21.11
CA ILE B 210 -2.97 -25.18 -22.11
C ILE B 210 -1.76 -25.21 -23.05
N ILE B 211 -0.64 -25.71 -22.55
CA ILE B 211 0.59 -25.87 -23.29
C ILE B 211 1.28 -27.10 -22.68
N GLY B 212 2.38 -27.56 -23.27
CA GLY B 212 3.20 -28.67 -22.75
C GLY B 212 4.70 -28.33 -22.74
N GLN B 213 5.52 -29.38 -22.70
CA GLN B 213 6.98 -29.24 -22.67
C GLN B 213 7.60 -28.82 -23.99
N ALA B 214 6.98 -29.16 -25.12
CA ALA B 214 7.46 -28.74 -26.46
C ALA B 214 7.46 -27.20 -26.60
N GLU B 215 6.39 -26.57 -26.12
CA GLU B 215 6.18 -25.09 -26.19
C GLU B 215 6.90 -24.30 -25.11
N THR B 216 7.47 -25.03 -24.17
CA THR B 216 8.19 -24.46 -23.06
C THR B 216 9.42 -23.80 -23.56
N LYS B 217 10.09 -24.39 -24.55
CA LYS B 217 11.30 -23.78 -25.08
C LYS B 217 11.03 -22.50 -25.89
N LYS B 218 9.89 -22.42 -26.59
CA LYS B 218 9.54 -21.21 -27.35
C LYS B 218 9.35 -20.09 -26.34
N LEU B 219 8.62 -20.40 -25.26
CA LEU B 219 8.35 -19.43 -24.22
C LEU B 219 9.60 -18.92 -23.51
N GLN B 220 10.54 -19.80 -23.20
CA GLN B 220 11.80 -19.38 -22.53
C GLN B 220 12.63 -18.46 -23.42
N GLU B 221 12.71 -18.78 -24.71
CA GLU B 221 13.47 -17.96 -25.65
C GLU B 221 12.82 -16.63 -25.96
N TRP B 222 11.48 -16.57 -25.96
CA TRP B 222 10.83 -15.28 -26.21
C TRP B 222 11.24 -14.30 -25.12
N ARG B 223 11.23 -14.79 -23.87
CA ARG B 223 11.61 -14.00 -22.70
C ARG B 223 13.03 -13.45 -22.79
N LYS B 224 13.97 -14.26 -23.29
CA LYS B 224 15.37 -13.82 -23.40
C LYS B 224 15.57 -12.81 -24.53
N ASN B 225 14.94 -13.04 -25.67
CA ASN B 225 15.03 -12.16 -26.85
C ASN B 225 13.69 -11.99 -27.55
N PRO B 226 12.84 -11.11 -26.99
CA PRO B 226 11.53 -10.84 -27.54
C PRO B 226 11.56 -10.11 -28.88
N ALA B 227 12.58 -9.31 -29.14
CA ALA B 227 12.67 -8.62 -30.42
C ALA B 227 12.90 -9.61 -31.56
N ASP B 228 13.64 -10.68 -31.27
CA ASP B 228 14.01 -11.68 -32.27
C ASP B 228 12.96 -12.76 -32.47
N GLU B 229 12.47 -12.89 -33.71
CA GLU B 229 11.45 -13.89 -34.09
C GLU B 229 12.00 -15.29 -34.37
N ALA B 230 12.91 -15.73 -33.53
CA ALA B 230 13.48 -17.06 -33.64
C ALA B 230 12.55 -17.96 -32.88
N TRP B 231 12.18 -17.50 -31.67
CA TRP B 231 11.31 -18.22 -30.76
C TRP B 231 10.13 -18.86 -31.48
N ILE B 232 9.58 -18.17 -32.47
CA ILE B 232 8.42 -18.71 -33.20
C ILE B 232 8.63 -20.15 -33.63
N THR B 233 9.84 -20.47 -34.07
CA THR B 233 10.18 -21.83 -34.53
C THR B 233 11.37 -22.36 -33.78
N ALA B 234 11.25 -22.39 -32.46
CA ALA B 234 12.30 -22.91 -31.61
C ALA B 234 11.91 -24.35 -31.27
N GLN C 21 25.55 -2.70 32.57
CA GLN C 21 24.86 -1.93 31.49
C GLN C 21 25.54 -1.80 30.12
N SER C 22 26.86 -1.64 30.08
CA SER C 22 27.60 -1.47 28.84
C SER C 22 27.84 -2.82 28.16
N ASN C 23 28.78 -2.88 27.22
CA ASN C 23 29.06 -4.14 26.53
C ASN C 23 29.65 -5.25 27.41
N ALA C 24 30.03 -4.95 28.66
CA ALA C 24 30.52 -6.01 29.56
C ALA C 24 29.32 -6.94 29.80
N MET C 25 28.16 -6.35 30.07
CA MET C 25 26.89 -7.10 30.24
C MET C 25 26.53 -7.90 29.00
N LYS C 26 26.58 -7.29 27.82
CA LYS C 26 26.26 -8.01 26.60
C LYS C 26 27.17 -9.22 26.40
N LYS C 27 28.44 -9.08 26.73
CA LYS C 27 29.38 -10.19 26.60
C LYS C 27 29.17 -11.26 27.67
N GLU C 28 28.92 -10.87 28.92
CA GLU C 28 28.69 -11.85 29.98
C GLU C 28 27.49 -12.72 29.63
N ILE C 29 26.39 -12.08 29.28
CA ILE C 29 25.15 -12.75 28.93
C ILE C 29 25.33 -13.66 27.72
N ALA C 30 26.10 -13.22 26.74
CA ALA C 30 26.33 -14.01 25.53
C ALA C 30 27.09 -15.28 25.87
N SER C 31 28.02 -15.17 26.82
CA SER C 31 28.81 -16.29 27.26
C SER C 31 27.91 -17.27 27.92
N HIS C 32 26.98 -16.77 28.73
CA HIS C 32 26.07 -17.66 29.39
C HIS C 32 25.19 -18.43 28.42
N LEU C 33 24.74 -17.77 27.35
CA LEU C 33 23.88 -18.39 26.37
C LEU C 33 24.65 -19.49 25.64
N LEU C 34 25.91 -19.25 25.34
CA LEU C 34 26.71 -20.29 24.71
C LEU C 34 26.93 -21.47 25.63
N GLU C 35 27.33 -21.19 26.86
CA GLU C 35 27.61 -22.24 27.84
C GLU C 35 26.49 -23.22 28.05
N ILE C 36 25.26 -22.74 28.11
CA ILE C 36 24.13 -23.61 28.35
C ILE C 36 23.44 -24.17 27.10
N GLY C 37 23.98 -23.92 25.90
CA GLY C 37 23.34 -24.43 24.67
C GLY C 37 22.11 -23.63 24.22
N ALA C 38 21.95 -22.40 24.72
CA ALA C 38 20.81 -21.56 24.31
C ALA C 38 21.09 -20.86 22.99
N VAL C 39 22.35 -20.79 22.60
CA VAL C 39 22.71 -20.19 21.31
C VAL C 39 23.77 -21.07 20.70
N PHE C 40 23.68 -21.25 19.39
CA PHE C 40 24.60 -22.07 18.63
C PHE C 40 25.12 -21.27 17.47
N LEU C 41 26.38 -21.48 17.14
CA LEU C 41 27.02 -20.81 16.01
C LEU C 41 27.70 -21.84 15.11
N GLN C 42 27.24 -21.97 13.86
CA GLN C 42 27.82 -22.92 12.91
C GLN C 42 27.95 -22.24 11.53
N PRO C 43 28.79 -21.21 11.43
CA PRO C 43 28.94 -20.53 10.13
C PRO C 43 29.49 -21.45 9.03
N ASN C 44 30.28 -22.44 9.41
CA ASN C 44 30.84 -23.40 8.44
C ASN C 44 29.95 -24.61 8.19
N ASP C 45 28.79 -24.68 8.86
CA ASP C 45 27.86 -25.78 8.68
C ASP C 45 26.47 -25.15 9.01
N PRO C 46 25.97 -24.30 8.12
CA PRO C 46 24.72 -23.54 8.29
C PRO C 46 23.42 -24.26 8.64
N PHE C 47 22.60 -23.61 9.45
CA PHE C 47 21.32 -24.14 9.83
C PHE C 47 20.34 -23.70 8.76
N THR C 48 19.15 -24.26 8.81
CA THR C 48 18.08 -23.90 7.90
C THR C 48 16.88 -23.67 8.78
N TRP C 49 16.43 -22.42 8.90
CA TRP C 49 15.27 -22.18 9.76
C TRP C 49 14.01 -22.77 9.16
N SER C 50 12.94 -22.79 9.96
CA SER C 50 11.63 -23.29 9.51
C SER C 50 11.11 -22.42 8.35
N SER C 51 11.52 -21.14 8.28
CA SER C 51 11.12 -20.25 7.18
C SER C 51 11.80 -20.63 5.85
N GLY C 52 12.81 -21.50 5.87
CA GLY C 52 13.51 -21.92 4.65
C GLY C 52 14.87 -21.26 4.46
N MET C 53 15.09 -20.13 5.13
CA MET C 53 16.38 -19.41 5.06
C MET C 53 17.54 -20.06 5.80
N LYS C 54 18.72 -19.98 5.20
CA LYS C 54 19.96 -20.52 5.79
C LYS C 54 20.45 -19.51 6.81
N SER C 55 21.03 -20.00 7.90
CA SER C 55 21.55 -19.15 8.95
C SER C 55 22.74 -19.78 9.65
N PRO C 56 23.66 -18.95 10.14
CA PRO C 56 24.82 -19.42 10.89
C PRO C 56 24.55 -19.46 12.39
N ILE C 57 23.36 -19.03 12.78
CA ILE C 57 23.03 -18.97 14.19
C ILE C 57 21.67 -19.55 14.47
N TYR C 58 21.54 -20.09 15.68
CA TYR C 58 20.26 -20.62 16.14
C TYR C 58 20.20 -20.32 17.64
N CYS C 59 19.02 -19.97 18.08
CA CYS C 59 18.81 -19.55 19.43
C CYS C 59 17.54 -20.09 20.08
N ASP C 60 17.70 -20.80 21.21
CA ASP C 60 16.56 -21.33 21.97
C ASP C 60 16.73 -20.86 23.40
N ASN C 61 16.21 -19.66 23.67
CA ASN C 61 16.28 -19.06 25.00
C ASN C 61 15.41 -19.73 26.06
N ARG C 62 14.57 -20.68 25.65
CA ARG C 62 13.71 -21.42 26.61
C ARG C 62 14.59 -22.23 27.57
N LEU C 63 15.79 -22.60 27.12
CA LEU C 63 16.75 -23.31 27.96
C LEU C 63 17.20 -22.51 29.19
N THR C 64 17.15 -21.19 29.14
CA THR C 64 17.55 -20.37 30.30
C THR C 64 16.73 -20.72 31.55
N LEU C 65 15.50 -21.20 31.34
CA LEU C 65 14.61 -21.59 32.43
C LEU C 65 15.16 -22.70 33.31
N SER C 66 16.00 -23.55 32.73
CA SER C 66 16.57 -24.68 33.45
C SER C 66 17.84 -24.36 34.24
N TYR C 67 18.32 -23.11 34.22
CA TYR C 67 19.53 -22.70 34.93
C TYR C 67 19.25 -21.56 35.89
N PRO C 68 18.93 -21.87 37.16
CA PRO C 68 18.59 -20.79 38.12
C PRO C 68 19.54 -19.58 38.18
N LYS C 69 20.85 -19.79 38.21
CA LYS C 69 21.75 -18.63 38.28
C LYS C 69 21.70 -17.77 37.03
N VAL C 70 21.68 -18.41 35.88
CA VAL C 70 21.64 -17.68 34.62
C VAL C 70 20.35 -16.87 34.45
N ARG C 71 19.20 -17.47 34.72
CA ARG C 71 17.92 -16.75 34.55
C ARG C 71 17.79 -15.56 35.51
N GLN C 72 18.36 -15.65 36.70
CA GLN C 72 18.27 -14.53 37.67
C GLN C 72 19.12 -13.39 37.18
N THR C 73 20.29 -13.70 36.63
CA THR C 73 21.16 -12.66 36.07
C THR C 73 20.41 -11.94 34.94
N ILE C 74 19.70 -12.72 34.12
CA ILE C 74 18.94 -12.16 33.02
C ILE C 74 17.85 -11.24 33.49
N ALA C 75 17.09 -11.66 34.50
CA ALA C 75 16.04 -10.83 35.04
C ALA C 75 16.60 -9.51 35.60
N ALA C 76 17.74 -9.60 36.30
CA ALA C 76 18.38 -8.42 36.85
C ALA C 76 18.75 -7.49 35.69
N GLY C 77 19.27 -8.09 34.62
CA GLY C 77 19.62 -7.35 33.46
C GLY C 77 18.43 -6.63 32.85
N LEU C 78 17.31 -7.33 32.69
CA LEU C 78 16.11 -6.72 32.10
C LEU C 78 15.54 -5.63 32.98
N GLU C 79 15.63 -5.80 34.29
CA GLU C 79 15.14 -4.78 35.20
C GLU C 79 15.94 -3.50 34.95
N GLU C 80 17.27 -3.66 34.85
CA GLU C 80 18.15 -2.50 34.60
C GLU C 80 17.82 -1.77 33.30
N LEU C 81 17.61 -2.50 32.21
CA LEU C 81 17.24 -1.83 30.95
C LEU C 81 15.93 -1.07 31.08
N ILE C 82 14.99 -1.65 31.81
CA ILE C 82 13.70 -1.00 31.98
C ILE C 82 13.86 0.29 32.77
N LYS C 83 14.69 0.28 33.82
CA LYS C 83 14.87 1.49 34.61
C LYS C 83 15.57 2.60 33.84
N GLU C 84 16.54 2.28 32.99
CA GLU C 84 17.21 3.32 32.23
C GLU C 84 16.37 3.87 31.11
N HIS C 85 15.81 2.98 30.31
CA HIS C 85 15.05 3.42 29.14
C HIS C 85 13.55 3.68 29.31
N PHE C 86 12.88 2.95 30.20
CA PHE C 86 11.41 3.14 30.40
C PHE C 86 11.05 3.24 31.89
N PRO C 87 11.66 4.19 32.61
CA PRO C 87 11.42 4.33 34.06
C PRO C 87 9.98 4.46 34.55
N THR C 88 9.09 5.06 33.75
CA THR C 88 7.70 5.27 34.17
C THR C 88 6.78 4.05 34.04
N VAL C 89 7.36 2.90 33.70
CA VAL C 89 6.57 1.67 33.53
C VAL C 89 5.63 1.39 34.69
N GLU C 90 4.44 0.90 34.35
CA GLU C 90 3.40 0.55 35.34
C GLU C 90 3.00 -0.93 35.29
N VAL C 91 3.14 -1.57 34.13
CA VAL C 91 2.78 -2.98 33.95
C VAL C 91 3.74 -3.68 33.01
N ILE C 92 4.03 -4.95 33.29
CA ILE C 92 4.92 -5.76 32.45
C ILE C 92 4.10 -6.74 31.64
N ALA C 93 4.41 -6.87 30.36
CA ALA C 93 3.69 -7.80 29.49
C ALA C 93 4.66 -8.75 28.86
N GLY C 94 4.33 -10.03 28.92
CA GLY C 94 5.18 -11.04 28.33
C GLY C 94 4.53 -11.62 27.10
N THR C 95 5.39 -12.14 26.23
CA THR C 95 4.96 -12.77 24.98
C THR C 95 4.84 -14.29 25.13
N ALA C 96 3.63 -14.80 24.90
CA ALA C 96 3.36 -16.23 24.99
C ALA C 96 4.23 -16.94 23.96
N THR C 97 4.96 -17.99 24.34
CA THR C 97 5.01 -18.58 25.70
C THR C 97 6.39 -18.41 26.37
N ALA C 98 7.44 -18.35 25.56
CA ALA C 98 8.80 -18.24 26.04
C ALA C 98 9.03 -17.15 27.10
N GLY C 99 8.65 -15.91 26.76
CA GLY C 99 8.83 -14.71 27.61
C GLY C 99 7.90 -14.52 28.80
N ILE C 100 6.96 -15.40 28.98
CA ILE C 100 6.08 -15.29 30.13
C ILE C 100 6.87 -15.45 31.43
N ALA C 101 7.76 -16.44 31.46
CA ALA C 101 8.56 -16.71 32.64
C ALA C 101 9.48 -15.55 32.97
N HIS C 102 10.10 -14.96 31.96
CA HIS C 102 10.99 -13.83 32.20
C HIS C 102 10.20 -12.62 32.63
N ALA C 103 9.03 -12.46 32.07
CA ALA C 103 8.18 -11.35 32.48
C ALA C 103 7.81 -11.50 33.97
N ALA C 104 7.59 -12.76 34.37
CA ALA C 104 7.25 -13.08 35.74
C ALA C 104 8.38 -12.72 36.69
N TRP C 105 9.61 -13.05 36.32
CA TRP C 105 10.74 -12.77 37.20
C TRP C 105 10.98 -11.26 37.30
N VAL C 106 10.85 -10.56 36.19
CA VAL C 106 11.02 -9.11 36.14
C VAL C 106 9.94 -8.39 36.94
N SER C 107 8.68 -8.75 36.69
CA SER C 107 7.55 -8.15 37.39
C SER C 107 7.71 -8.33 38.91
N ASP C 108 8.34 -9.42 39.31
CA ASP C 108 8.54 -9.69 40.73
C ASP C 108 9.63 -8.83 41.33
N ARG C 109 10.74 -8.69 40.63
CA ARG C 109 11.85 -7.88 41.12
C ARG C 109 11.46 -6.41 41.18
N MET C 110 10.55 -5.99 40.30
CA MET C 110 10.08 -4.61 40.27
C MET C 110 8.78 -4.37 41.02
N ASP C 111 8.17 -5.44 41.54
CA ASP C 111 6.91 -5.33 42.29
C ASP C 111 5.82 -4.64 41.44
N LEU C 112 5.66 -5.12 40.21
CA LEU C 112 4.66 -4.58 39.29
C LEU C 112 3.65 -5.60 38.81
N PRO C 113 2.46 -5.12 38.42
CA PRO C 113 1.47 -6.02 37.88
C PRO C 113 1.99 -6.59 36.58
N MET C 114 1.47 -7.76 36.22
CA MET C 114 1.86 -8.43 35.03
C MET C 114 0.64 -8.89 34.24
N CYS C 115 0.83 -9.03 32.93
CA CYS C 115 -0.20 -9.53 32.02
C CYS C 115 0.55 -10.21 30.88
N TYR C 116 -0.17 -10.92 30.02
CA TYR C 116 0.47 -11.55 28.87
C TYR C 116 -0.46 -11.54 27.68
N VAL C 117 0.15 -11.74 26.50
CA VAL C 117 -0.56 -11.75 25.23
C VAL C 117 -0.29 -13.06 24.51
N ILE C 130 -5.37 -10.88 25.51
CA ILE C 130 -4.70 -10.23 26.63
C ILE C 130 -5.22 -10.77 27.94
N GLU C 131 -4.39 -11.55 28.63
CA GLU C 131 -4.76 -12.16 29.90
C GLU C 131 -4.13 -11.37 31.05
N GLY C 132 -4.91 -11.12 32.09
CA GLY C 132 -4.44 -10.33 33.21
C GLY C 132 -4.83 -8.90 32.88
N LYS C 133 -4.97 -8.08 33.92
CA LYS C 133 -5.35 -6.67 33.78
C LYS C 133 -4.34 -5.85 33.00
N ALA C 134 -4.86 -5.08 32.06
CA ALA C 134 -4.07 -4.18 31.20
C ALA C 134 -5.05 -3.08 30.83
N GLU C 135 -5.36 -2.25 31.81
CA GLU C 135 -6.33 -1.18 31.64
C GLU C 135 -5.88 0.03 30.84
N LYS C 136 -6.90 0.69 30.29
CA LYS C 136 -6.79 1.92 29.50
C LYS C 136 -5.76 2.93 30.09
N GLY C 137 -4.87 3.41 29.23
CA GLY C 137 -3.85 4.40 29.61
C GLY C 137 -2.64 3.97 30.45
N GLN C 138 -2.56 2.70 30.86
CA GLN C 138 -1.41 2.23 31.64
C GLN C 138 -0.15 2.08 30.77
N LYS C 139 0.98 2.50 31.33
CA LYS C 139 2.27 2.44 30.67
C LYS C 139 2.81 1.03 30.76
N VAL C 140 2.96 0.39 29.60
CA VAL C 140 3.42 -1.00 29.51
C VAL C 140 4.74 -1.22 28.78
N VAL C 141 5.49 -2.22 29.26
CA VAL C 141 6.75 -2.63 28.66
C VAL C 141 6.63 -4.11 28.34
N VAL C 142 6.92 -4.47 27.10
CA VAL C 142 6.86 -5.84 26.66
C VAL C 142 8.21 -6.52 26.87
N VAL C 143 8.18 -7.77 27.35
CA VAL C 143 9.40 -8.57 27.56
C VAL C 143 9.35 -9.75 26.60
N GLU C 144 10.39 -9.84 25.78
CA GLU C 144 10.61 -10.89 24.76
C GLU C 144 11.90 -11.57 25.03
N ASP C 145 12.02 -12.81 24.58
CA ASP C 145 13.28 -13.50 24.72
C ASP C 145 14.15 -13.30 23.46
N LEU C 146 13.53 -13.23 22.29
CA LEU C 146 14.28 -13.05 21.07
C LEU C 146 13.57 -12.20 20.03
N ILE C 147 14.38 -11.39 19.34
CA ILE C 147 13.94 -10.53 18.24
C ILE C 147 14.67 -10.99 17.00
N SER C 148 13.95 -11.54 16.02
CA SER C 148 14.61 -11.94 14.77
C SER C 148 14.01 -11.03 13.71
N THR C 149 12.77 -11.34 13.27
CA THR C 149 12.05 -10.55 12.25
C THR C 149 11.22 -9.42 12.89
N GLY C 150 10.86 -9.59 14.17
CA GLY C 150 10.06 -8.63 14.91
C GLY C 150 8.54 -8.87 14.88
N GLY C 151 8.10 -9.89 14.15
CA GLY C 151 6.66 -10.20 14.03
C GLY C 151 5.91 -10.42 15.32
N SER C 152 6.49 -11.18 16.25
CA SER C 152 5.81 -11.48 17.51
C SER C 152 5.65 -10.22 18.32
N ALA C 153 6.77 -9.51 18.48
CA ALA C 153 6.80 -8.28 19.24
C ALA C 153 5.71 -7.33 18.74
N ILE C 154 5.70 -7.09 17.43
CA ILE C 154 4.72 -6.16 16.82
C ILE C 154 3.28 -6.61 17.07
N THR C 155 3.01 -7.88 16.87
CA THR C 155 1.69 -8.42 17.12
C THR C 155 1.28 -8.12 18.57
N CYS C 156 2.14 -8.48 19.49
CA CYS C 156 1.91 -8.23 20.90
C CYS C 156 1.72 -6.73 21.22
N VAL C 157 2.52 -5.89 20.59
CA VAL C 157 2.39 -4.44 20.82
C VAL C 157 1.06 -3.95 20.28
N GLU C 158 0.65 -4.43 19.11
CA GLU C 158 -0.62 -3.99 18.53
C GLU C 158 -1.79 -4.25 19.41
N ALA C 159 -1.86 -5.44 19.97
CA ALA C 159 -2.96 -5.78 20.86
C ALA C 159 -3.01 -4.83 22.05
N LEU C 160 -1.85 -4.54 22.66
CA LEU C 160 -1.80 -3.62 23.80
C LEU C 160 -2.32 -2.23 23.46
N ARG C 161 -1.94 -1.72 22.30
CA ARG C 161 -2.42 -0.42 21.87
C ARG C 161 -3.91 -0.48 21.59
N GLU C 162 -4.36 -1.56 20.96
CA GLU C 162 -5.79 -1.73 20.65
C GLU C 162 -6.66 -1.78 21.91
N ALA C 163 -6.11 -2.27 23.01
CA ALA C 163 -6.84 -2.31 24.29
C ALA C 163 -6.75 -0.99 25.06
N GLY C 164 -6.04 0.00 24.49
CA GLY C 164 -5.91 1.32 25.11
C GLY C 164 -4.69 1.56 25.97
N CYS C 165 -3.66 0.73 25.84
CA CYS C 165 -2.43 0.89 26.62
C CYS C 165 -1.34 1.67 25.89
N GLU C 166 -0.52 2.38 26.65
CA GLU C 166 0.61 3.14 26.10
C GLU C 166 1.75 2.17 26.27
N VAL C 167 2.32 1.77 25.14
CA VAL C 167 3.43 0.84 25.13
C VAL C 167 4.72 1.65 25.07
N LEU C 168 5.42 1.71 26.21
CA LEU C 168 6.68 2.46 26.30
C LEU C 168 7.75 1.91 25.41
N GLY C 169 7.75 0.59 25.26
CA GLY C 169 8.76 -0.08 24.45
C GLY C 169 8.92 -1.56 24.76
N ILE C 170 10.01 -2.13 24.27
CA ILE C 170 10.30 -3.54 24.44
C ILE C 170 11.69 -3.81 24.90
N VAL C 171 11.83 -4.82 25.74
CA VAL C 171 13.14 -5.28 26.18
C VAL C 171 13.17 -6.75 25.84
N SER C 172 14.34 -7.23 25.44
CA SER C 172 14.49 -8.64 25.11
C SER C 172 15.84 -9.18 25.55
N ILE C 173 15.93 -10.48 25.67
CA ILE C 173 17.17 -11.11 26.07
C ILE C 173 18.22 -11.01 24.97
N PHE C 174 17.80 -11.25 23.74
CA PHE C 174 18.73 -11.26 22.64
C PHE C 174 18.07 -10.82 21.37
N THR C 175 18.89 -10.34 20.45
CA THR C 175 18.43 -9.92 19.16
C THR C 175 19.49 -10.25 18.14
N TYR C 176 19.03 -10.61 16.95
CA TYR C 176 19.95 -10.90 15.89
C TYR C 176 20.41 -9.61 15.18
N GLU C 177 19.88 -8.44 15.55
CA GLU C 177 20.27 -7.16 14.93
C GLU C 177 20.00 -7.10 13.41
N LEU C 178 18.96 -7.81 12.95
CA LEU C 178 18.61 -7.81 11.52
C LEU C 178 17.95 -6.50 11.12
N GLU C 179 18.27 -6.03 9.92
CA GLU C 179 17.74 -4.78 9.42
C GLU C 179 16.22 -4.84 9.23
N ALA C 180 15.70 -5.96 8.71
CA ALA C 180 14.24 -6.10 8.52
C ALA C 180 13.50 -5.95 9.87
N GLY C 181 14.14 -6.38 10.96
CA GLY C 181 13.57 -6.28 12.30
C GLY C 181 13.49 -4.83 12.73
N LYS C 182 14.60 -4.10 12.57
CA LYS C 182 14.67 -2.68 12.95
C LYS C 182 13.60 -1.85 12.24
N GLU C 183 13.47 -2.07 10.94
CA GLU C 183 12.50 -1.35 10.08
C GLU C 183 11.06 -1.49 10.57
N LYS C 184 10.64 -2.69 10.96
CA LYS C 184 9.27 -2.91 11.46
C LYS C 184 9.07 -2.22 12.78
N LEU C 185 10.07 -2.30 13.66
CA LEU C 185 9.99 -1.64 14.96
C LEU C 185 9.86 -0.12 14.77
N GLU C 186 10.51 0.43 13.73
CA GLU C 186 10.40 1.86 13.42
C GLU C 186 9.03 2.20 12.86
N ALA C 187 8.53 1.35 11.96
CA ALA C 187 7.20 1.57 11.35
C ALA C 187 6.11 1.58 12.41
N ALA C 188 6.25 0.73 13.43
CA ALA C 188 5.30 0.65 14.54
C ALA C 188 5.61 1.67 15.66
N ASN C 189 6.71 2.42 15.53
CA ASN C 189 7.12 3.42 16.51
C ASN C 189 7.31 2.81 17.88
N VAL C 190 8.11 1.77 17.93
CA VAL C 190 8.37 1.04 19.15
C VAL C 190 9.87 0.99 19.39
N ALA C 191 10.30 1.49 20.53
CA ALA C 191 11.70 1.48 20.91
C ALA C 191 12.01 0.09 21.48
N SER C 192 13.12 -0.50 21.05
CA SER C 192 13.52 -1.82 21.51
C SER C 192 14.99 -1.86 21.93
N TYR C 193 15.24 -2.50 23.06
CA TYR C 193 16.59 -2.66 23.61
C TYR C 193 16.74 -4.12 24.00
N SER C 194 17.96 -4.67 23.87
CA SER C 194 18.24 -6.07 24.18
C SER C 194 19.41 -6.24 25.14
N LEU C 195 19.32 -7.28 25.96
CA LEU C 195 20.35 -7.53 26.97
C LEU C 195 21.69 -7.88 26.31
N SER C 196 21.64 -8.62 25.23
CA SER C 196 22.83 -8.99 24.47
C SER C 196 22.44 -9.04 23.02
N ASP C 197 23.42 -9.16 22.14
CA ASP C 197 23.12 -9.20 20.71
C ASP C 197 24.20 -9.92 19.89
N TYR C 198 23.88 -10.09 18.62
CA TYR C 198 24.71 -10.81 17.65
C TYR C 198 26.16 -10.42 17.65
N SER C 199 26.41 -9.12 17.66
CA SER C 199 27.79 -8.63 17.61
C SER C 199 28.58 -9.00 18.85
N ALA C 200 27.96 -8.83 20.01
CA ALA C 200 28.63 -9.14 21.24
C ALA C 200 28.89 -10.65 21.33
N LEU C 201 27.91 -11.46 20.88
CA LEU C 201 28.06 -12.92 20.87
C LEU C 201 29.22 -13.27 19.98
N THR C 202 29.23 -12.66 18.79
CA THR C 202 30.31 -12.87 17.83
C THR C 202 31.70 -12.56 18.43
N GLU C 203 31.85 -11.38 19.01
CA GLU C 203 33.13 -11.00 19.62
C GLU C 203 33.50 -12.01 20.71
N VAL C 204 32.51 -12.40 21.50
CA VAL C 204 32.74 -13.38 22.58
C VAL C 204 33.19 -14.74 22.06
N ALA C 205 32.48 -15.25 21.06
CA ALA C 205 32.82 -16.55 20.47
C ALA C 205 34.26 -16.59 19.97
N ALA C 206 34.72 -15.47 19.39
CA ALA C 206 36.10 -15.38 18.91
C ALA C 206 37.07 -15.39 20.09
N GLU C 207 36.76 -14.66 21.16
CA GLU C 207 37.65 -14.64 22.33
C GLU C 207 37.87 -16.04 22.91
N LYS C 208 36.82 -16.87 22.91
CA LYS C 208 36.89 -18.24 23.42
C LYS C 208 37.52 -19.22 22.44
N GLY C 209 37.70 -18.83 21.18
CA GLY C 209 38.28 -19.72 20.17
C GLY C 209 37.27 -20.62 19.48
N ILE C 210 35.98 -20.38 19.73
CA ILE C 210 34.92 -21.17 19.11
C ILE C 210 34.90 -20.90 17.61
N ILE C 211 35.36 -19.71 17.21
CA ILE C 211 35.46 -19.30 15.82
C ILE C 211 36.74 -18.54 15.65
N GLY C 212 37.15 -18.43 14.38
CA GLY C 212 38.36 -17.72 13.95
C GLY C 212 38.00 -16.48 13.17
N GLN C 213 39.00 -15.90 12.53
CA GLN C 213 38.84 -14.66 11.79
C GLN C 213 37.98 -14.81 10.51
N ALA C 214 38.19 -15.91 9.80
CA ALA C 214 37.43 -16.20 8.58
C ALA C 214 35.93 -16.38 8.86
N GLU C 215 35.62 -17.08 9.93
CA GLU C 215 34.25 -17.34 10.30
C GLU C 215 33.60 -16.04 10.79
N THR C 216 34.40 -15.14 11.32
CA THR C 216 33.89 -13.85 11.77
C THR C 216 33.35 -13.06 10.59
N LYS C 217 34.03 -13.12 9.43
CA LYS C 217 33.56 -12.38 8.27
C LYS C 217 32.25 -12.97 7.69
N LYS C 218 32.07 -14.29 7.77
CA LYS C 218 30.82 -14.91 7.28
C LYS C 218 29.66 -14.40 8.15
N LEU C 219 29.89 -14.36 9.45
CA LEU C 219 28.90 -13.89 10.40
C LEU C 219 28.51 -12.42 10.21
N GLN C 220 29.50 -11.56 9.96
CA GLN C 220 29.21 -10.12 9.75
C GLN C 220 28.37 -9.89 8.51
N GLU C 221 28.67 -10.64 7.45
CA GLU C 221 27.93 -10.53 6.20
C GLU C 221 26.55 -11.13 6.24
N TRP C 222 26.36 -12.18 7.04
CA TRP C 222 25.02 -12.76 7.15
C TRP C 222 24.08 -11.71 7.72
N ARG C 223 24.56 -11.00 8.74
CA ARG C 223 23.75 -9.97 9.39
C ARG C 223 23.36 -8.84 8.43
N LYS C 224 24.28 -8.43 7.56
CA LYS C 224 24.00 -7.35 6.62
C LYS C 224 22.99 -7.79 5.55
N ASN C 225 23.15 -9.01 5.03
CA ASN C 225 22.26 -9.54 3.99
C ASN C 225 21.93 -11.01 4.24
N PRO C 226 20.98 -11.29 5.15
CA PRO C 226 20.60 -12.66 5.49
C PRO C 226 19.85 -13.39 4.38
N ALA C 227 19.12 -12.64 3.53
CA ALA C 227 18.38 -13.26 2.43
C ALA C 227 19.35 -13.80 1.39
N ASP C 228 20.49 -13.11 1.23
CA ASP C 228 21.52 -13.49 0.25
C ASP C 228 22.53 -14.52 0.77
N GLU C 229 22.62 -15.66 0.08
CA GLU C 229 23.53 -16.76 0.43
C GLU C 229 24.98 -16.59 -0.05
N ALA C 230 25.50 -15.38 0.12
CA ALA C 230 26.87 -15.04 -0.25
C ALA C 230 27.73 -15.43 0.93
N TRP C 231 27.27 -14.99 2.10
CA TRP C 231 27.97 -15.21 3.36
C TRP C 231 28.47 -16.64 3.50
N ILE C 232 27.71 -17.62 3.02
CA ILE C 232 28.11 -19.03 3.10
C ILE C 232 29.57 -19.21 2.66
N THR C 233 29.99 -18.52 1.59
CA THR C 233 31.40 -18.61 1.10
C THR C 233 32.03 -17.23 1.02
N ALA C 234 32.10 -16.57 2.16
CA ALA C 234 32.70 -15.26 2.27
C ALA C 234 34.11 -15.44 2.80
#